data_5GM3
#
_entry.id   5GM3
#
_cell.length_a   74.215
_cell.length_b   75.089
_cell.length_c   188.385
_cell.angle_alpha   90.000
_cell.angle_beta   90.000
_cell.angle_gamma   90.000
#
_symmetry.space_group_name_H-M   'C 2 2 21'
#
loop_
_entity.id
_entity.type
_entity.pdbx_description
1 polymer Endoglucanase-1
2 non-polymer 'ZINC ION'
3 non-polymer 'CACODYLATE ION'
4 water water
#
_entity_poly.entity_id   1
_entity_poly.type   'polypeptide(L)'
_entity_poly.pdbx_seq_one_letter_code
;AQLCDQYATYTGGVYTINNNLWGKDAGSGSQCTTVNSASSAGTSWSTKWNWSGGENSVKSYANSGLTFNKKLVSQISQIP
TTARWSYDNTGIRADVAYDLFTAADINHVTWSGDYELMIWLARYGGVQPIGSQIATATVDGQTWELWYGANGSQKTYSFV
APTPITSFQGDVNDFFKYLTQNHGFPASSQYLITLQFGTEPFTGGPATLSVSNWSASVQ
;
_entity_poly.pdbx_strand_id   A,B
#
# COMPACT_ATOMS: atom_id res chain seq x y z
N ALA A 1 0.49 0.20 -19.91
CA ALA A 1 -0.51 0.16 -18.79
C ALA A 1 0.07 -0.44 -17.50
N GLN A 2 -0.19 0.21 -16.38
CA GLN A 2 0.01 -0.47 -15.12
C GLN A 2 -0.85 -1.73 -15.02
N LEU A 3 -0.45 -2.65 -14.14
CA LEU A 3 -1.24 -3.80 -13.80
C LEU A 3 -1.88 -3.58 -12.44
N CYS A 4 -3.18 -3.22 -12.40
CA CYS A 4 -3.80 -2.83 -11.15
C CYS A 4 -4.81 -3.84 -10.65
N ASP A 5 -5.44 -4.56 -11.56
CA ASP A 5 -6.45 -5.49 -11.18
C ASP A 5 -5.88 -6.73 -10.48
N GLN A 6 -6.74 -7.47 -9.79
CA GLN A 6 -6.28 -8.55 -8.92
C GLN A 6 -5.28 -9.50 -9.60
N TYR A 7 -5.59 -9.99 -10.81
CA TYR A 7 -4.73 -10.93 -11.50
C TYR A 7 -4.27 -10.44 -12.86
N ALA A 8 -4.03 -9.14 -12.93
CA ALA A 8 -3.54 -8.51 -14.13
C ALA A 8 -2.10 -8.97 -14.37
N THR A 9 -1.81 -9.26 -15.63
CA THR A 9 -0.60 -9.94 -15.97
C THR A 9 0.01 -9.38 -17.24
N TYR A 10 1.32 -9.50 -17.37
CA TYR A 10 2.02 -9.17 -18.60
C TYR A 10 3.04 -10.26 -18.88
N THR A 11 3.18 -10.71 -20.13
CA THR A 11 4.35 -11.55 -20.48
C THR A 11 5.30 -10.98 -21.50
N GLY A 12 6.59 -11.01 -21.21
CA GLY A 12 7.64 -10.69 -22.19
C GLY A 12 8.79 -11.69 -22.19
N GLY A 13 9.05 -12.30 -23.34
CA GLY A 13 10.01 -13.40 -23.38
C GLY A 13 9.66 -14.53 -22.41
N VAL A 14 10.63 -14.89 -21.58
CA VAL A 14 10.41 -15.95 -20.60
C VAL A 14 10.02 -15.42 -19.24
N TYR A 15 9.60 -14.15 -19.16
CA TYR A 15 9.21 -13.56 -17.86
C TYR A 15 7.78 -13.11 -17.91
N THR A 16 7.06 -13.42 -16.84
CA THR A 16 5.67 -13.02 -16.69
C THR A 16 5.57 -12.21 -15.42
N ILE A 17 4.97 -11.02 -15.50
CA ILE A 17 4.81 -10.16 -14.32
C ILE A 17 3.34 -10.08 -13.94
N ASN A 18 3.04 -10.44 -12.69
CA ASN A 18 1.67 -10.59 -12.21
C ASN A 18 1.48 -9.62 -11.05
N ASN A 19 0.37 -8.89 -11.03
CA ASN A 19 0.00 -8.13 -9.83
C ASN A 19 -0.39 -9.03 -8.68
N ASN A 20 -1.21 -10.05 -8.96
CA ASN A 20 -1.42 -11.17 -8.02
C ASN A 20 -1.81 -10.69 -6.63
N LEU A 21 -2.93 -9.97 -6.58
CA LEU A 21 -3.48 -9.51 -5.33
C LEU A 21 -4.37 -10.58 -4.71
N TRP A 22 -3.79 -11.77 -4.49
CA TRP A 22 -4.57 -12.90 -4.06
C TRP A 22 -5.25 -12.75 -2.71
N GLY A 23 -4.68 -11.90 -1.85
CA GLY A 23 -5.18 -11.68 -0.49
C GLY A 23 -5.89 -10.33 -0.34
N LYS A 24 -6.33 -9.72 -1.44
CA LYS A 24 -6.88 -8.38 -1.33
C LYS A 24 -8.12 -8.27 -0.46
N ASP A 25 -8.86 -9.37 -0.32
CA ASP A 25 -10.06 -9.33 0.50
C ASP A 25 -9.76 -9.43 2.00
N ALA A 26 -8.49 -9.65 2.35
CA ALA A 26 -8.11 -9.77 3.72
C ALA A 26 -7.85 -8.44 4.39
N GLY A 27 -7.89 -7.36 3.60
CA GLY A 27 -7.73 -6.03 4.16
C GLY A 27 -8.22 -4.98 3.21
N SER A 28 -7.78 -3.75 3.46
CA SER A 28 -8.16 -2.62 2.66
C SER A 28 -6.92 -2.00 2.05
N GLY A 29 -7.01 -1.51 0.82
CA GLY A 29 -5.84 -0.99 0.15
C GLY A 29 -5.87 -1.14 -1.36
N SER A 30 -4.70 -1.05 -1.97
CA SER A 30 -4.61 -0.97 -3.40
C SER A 30 -3.17 -1.31 -3.76
N GLN A 31 -2.96 -1.71 -5.01
CA GLN A 31 -1.61 -2.03 -5.45
C GLN A 31 -1.57 -2.15 -6.98
N CYS A 32 -0.62 -1.49 -7.60
CA CYS A 32 -0.41 -1.55 -9.04
C CYS A 32 1.05 -1.84 -9.34
N THR A 33 1.26 -2.69 -10.33
CA THR A 33 2.58 -3.17 -10.72
C THR A 33 2.86 -2.66 -12.12
N THR A 34 4.05 -2.14 -12.32
CA THR A 34 4.47 -1.57 -13.59
C THR A 34 5.61 -2.39 -14.14
N VAL A 35 5.48 -2.78 -15.41
CA VAL A 35 6.57 -3.46 -16.08
C VAL A 35 7.46 -2.45 -16.78
N ASN A 36 8.76 -2.48 -16.49
CA ASN A 36 9.71 -1.60 -17.18
C ASN A 36 10.29 -2.25 -18.44
N SER A 37 10.62 -3.53 -18.33
CA SER A 37 11.28 -4.26 -19.40
C SER A 37 11.27 -5.72 -19.11
N ALA A 38 11.20 -6.52 -20.17
CA ALA A 38 11.24 -7.96 -20.06
C ALA A 38 11.79 -8.54 -21.35
N SER A 39 12.92 -9.25 -21.23
CA SER A 39 13.68 -9.76 -22.38
C SER A 39 14.12 -11.17 -22.06
N SER A 40 14.95 -11.76 -22.92
CA SER A 40 15.41 -13.11 -22.62
C SER A 40 16.47 -13.15 -21.53
N ALA A 41 17.03 -11.99 -21.15
CA ALA A 41 18.07 -11.95 -20.14
C ALA A 41 17.51 -11.68 -18.75
N GLY A 42 16.41 -10.95 -18.69
CA GLY A 42 15.93 -10.52 -17.37
C GLY A 42 14.75 -9.59 -17.47
N THR A 43 14.27 -9.14 -16.32
CA THR A 43 13.11 -8.26 -16.26
C THR A 43 13.29 -7.18 -15.19
N SER A 44 12.66 -6.02 -15.41
CA SER A 44 12.65 -4.96 -14.43
C SER A 44 11.23 -4.45 -14.29
N TRP A 45 10.81 -4.25 -13.06
CA TRP A 45 9.44 -3.93 -12.79
C TRP A 45 9.36 -3.30 -11.41
N SER A 46 8.22 -2.69 -11.11
CA SER A 46 8.03 -2.13 -9.77
C SER A 46 6.60 -2.32 -9.35
N THR A 47 6.38 -2.31 -8.04
CA THR A 47 5.01 -2.39 -7.56
C THR A 47 4.86 -1.42 -6.40
N LYS A 48 3.71 -0.76 -6.35
CA LYS A 48 3.43 0.24 -5.32
C LYS A 48 2.09 -0.02 -4.67
N TRP A 49 2.07 0.03 -3.33
CA TRP A 49 0.93 -0.46 -2.59
C TRP A 49 0.70 0.29 -1.29
N ASN A 50 -0.51 0.21 -0.80
CA ASN A 50 -0.83 0.56 0.57
C ASN A 50 -1.87 -0.44 1.03
N TRP A 51 -1.63 -1.04 2.20
CA TRP A 51 -2.50 -2.05 2.74
C TRP A 51 -2.68 -1.86 4.25
N SER A 52 -3.92 -2.01 4.71
CA SER A 52 -4.21 -2.10 6.14
C SER A 52 -5.18 -3.22 6.40
N GLY A 53 -5.28 -3.59 7.68
CA GLY A 53 -6.18 -4.63 8.09
C GLY A 53 -5.53 -6.00 7.96
N GLY A 54 -6.17 -7.03 8.50
CA GLY A 54 -5.66 -8.39 8.35
C GLY A 54 -4.16 -8.51 8.65
N GLU A 55 -3.76 -8.08 9.84
CA GLU A 55 -2.39 -7.82 10.21
C GLU A 55 -1.44 -8.98 9.85
N ASN A 56 -1.91 -10.20 10.04
CA ASN A 56 -1.03 -11.33 9.77
C ASN A 56 -1.39 -12.09 8.50
N SER A 57 -2.09 -11.43 7.56
CA SER A 57 -2.48 -12.02 6.30
C SER A 57 -1.73 -11.32 5.17
N VAL A 58 -1.09 -12.11 4.34
CA VAL A 58 -0.49 -11.56 3.13
C VAL A 58 -1.59 -11.01 2.24
N LYS A 59 -1.38 -9.84 1.65
CA LYS A 59 -2.40 -9.26 0.77
C LYS A 59 -2.20 -9.58 -0.70
N SER A 60 -0.96 -9.88 -1.07
CA SER A 60 -0.60 -10.02 -2.46
C SER A 60 0.79 -10.64 -2.60
N TYR A 61 1.11 -11.09 -3.80
CA TYR A 61 2.48 -11.42 -4.16
C TYR A 61 2.71 -11.05 -5.62
N ALA A 62 2.82 -9.77 -5.86
CA ALA A 62 3.22 -9.26 -7.15
C ALA A 62 4.62 -9.76 -7.40
N ASN A 63 4.81 -10.32 -8.59
CA ASN A 63 6.02 -11.08 -8.83
C ASN A 63 6.33 -11.11 -10.33
N SER A 64 7.60 -11.41 -10.62
CA SER A 64 8.01 -11.92 -11.92
C SER A 64 8.30 -13.41 -11.80
N GLY A 65 7.74 -14.14 -12.76
CA GLY A 65 7.87 -15.59 -12.81
C GLY A 65 8.53 -16.02 -14.11
N LEU A 66 9.27 -17.12 -14.01
CA LEU A 66 10.03 -17.64 -15.15
C LEU A 66 9.34 -18.78 -15.86
N THR A 67 9.34 -18.73 -17.20
CA THR A 67 9.02 -19.88 -18.00
C THR A 67 10.28 -20.69 -18.30
N PHE A 68 10.19 -21.96 -17.94
CA PHE A 68 11.33 -22.87 -18.03
C PHE A 68 10.86 -24.33 -18.20
N ASN A 69 11.80 -25.17 -18.59
CA ASN A 69 11.53 -26.58 -18.77
C ASN A 69 11.44 -27.25 -17.39
N LYS A 70 10.24 -27.67 -17.04
CA LYS A 70 9.99 -28.31 -15.75
C LYS A 70 10.68 -29.64 -15.69
N LYS A 71 11.30 -29.91 -14.55
CA LYS A 71 12.03 -31.15 -14.42
C LYS A 71 12.23 -31.52 -12.97
N LEU A 72 12.53 -32.78 -12.76
CA LEU A 72 12.75 -33.30 -11.43
C LEU A 72 13.91 -32.54 -10.78
N VAL A 73 13.74 -32.27 -9.49
CA VAL A 73 14.74 -31.54 -8.75
C VAL A 73 16.10 -32.23 -8.72
N SER A 74 16.07 -33.55 -8.76
CA SER A 74 17.30 -34.34 -8.84
C SER A 74 18.07 -34.23 -10.14
N GLN A 75 17.42 -33.67 -11.15
CA GLN A 75 18.03 -33.45 -12.44
C GLN A 75 18.31 -32.01 -12.72
N ILE A 76 18.18 -31.15 -11.70
CA ILE A 76 18.60 -29.78 -11.89
C ILE A 76 20.07 -29.67 -11.59
N SER A 77 20.80 -29.02 -12.48
CA SER A 77 22.20 -28.77 -12.29
C SER A 77 22.50 -27.46 -11.58
N GLN A 78 21.82 -26.39 -11.98
CA GLN A 78 21.92 -25.12 -11.30
C GLN A 78 20.70 -24.25 -11.66
N ILE A 79 20.37 -23.37 -10.74
CA ILE A 79 19.36 -22.32 -10.94
C ILE A 79 20.03 -20.97 -10.64
N PRO A 80 20.86 -20.49 -11.56
CA PRO A 80 21.50 -19.17 -11.36
C PRO A 80 20.46 -18.09 -11.45
N THR A 81 20.52 -17.17 -10.50
CA THR A 81 19.58 -16.08 -10.42
C THR A 81 20.24 -14.85 -9.83
N THR A 82 19.78 -13.67 -10.30
CA THR A 82 20.16 -12.44 -9.67
C THR A 82 18.89 -11.64 -9.36
N ALA A 83 18.94 -10.82 -8.33
CA ALA A 83 17.80 -9.96 -7.97
C ALA A 83 18.36 -8.69 -7.41
N ARG A 84 18.11 -7.55 -8.09
CA ARG A 84 18.55 -6.25 -7.62
C ARG A 84 17.31 -5.38 -7.43
N TRP A 85 17.12 -4.95 -6.20
CA TRP A 85 15.89 -4.31 -5.82
C TRP A 85 16.09 -3.33 -4.68
N SER A 86 15.05 -2.52 -4.44
CA SER A 86 15.00 -1.70 -3.22
C SER A 86 13.58 -1.33 -2.89
N TYR A 87 13.34 -0.98 -1.63
CA TYR A 87 12.06 -0.42 -1.20
C TYR A 87 12.32 1.04 -0.83
N ASP A 88 11.40 1.92 -1.20
CA ASP A 88 11.55 3.33 -0.76
C ASP A 88 11.19 3.62 0.69
N ASN A 89 10.12 2.99 1.11
CA ASN A 89 9.59 3.08 2.45
C ASN A 89 9.75 1.71 3.09
N THR A 90 10.70 1.61 4.03
CA THR A 90 10.91 0.37 4.77
C THR A 90 10.19 0.26 6.09
N GLY A 91 9.41 1.30 6.40
CA GLY A 91 8.51 1.31 7.55
C GLY A 91 7.22 0.57 7.33
N ILE A 92 7.35 -0.73 7.04
CA ILE A 92 6.29 -1.53 6.51
C ILE A 92 6.39 -2.89 7.19
N ARG A 93 5.35 -3.69 6.97
CA ARG A 93 5.37 -5.09 7.36
C ARG A 93 5.21 -5.92 6.07
N ALA A 94 6.34 -6.40 5.57
CA ALA A 94 6.41 -7.02 4.25
C ALA A 94 7.64 -7.87 4.13
N ASP A 95 7.62 -8.79 3.17
CA ASP A 95 8.84 -9.53 2.83
C ASP A 95 9.16 -9.36 1.36
N VAL A 96 10.40 -9.64 1.01
CA VAL A 96 10.85 -9.76 -0.38
C VAL A 96 11.38 -11.18 -0.53
N ALA A 97 10.86 -11.93 -1.51
CA ALA A 97 11.08 -13.35 -1.53
C ALA A 97 10.96 -13.99 -2.91
N TYR A 98 11.83 -14.98 -3.13
CA TYR A 98 11.57 -16.05 -4.08
C TYR A 98 10.49 -16.97 -3.59
N ASP A 99 9.71 -17.50 -4.52
CA ASP A 99 8.68 -18.49 -4.25
C ASP A 99 8.76 -19.55 -5.32
N LEU A 100 8.99 -20.79 -4.89
CA LEU A 100 9.10 -21.93 -5.79
C LEU A 100 8.14 -23.01 -5.35
N PHE A 101 7.53 -23.72 -6.32
CA PHE A 101 6.69 -24.86 -6.01
C PHE A 101 7.23 -26.11 -6.72
N THR A 102 7.08 -27.23 -6.05
CA THR A 102 7.37 -28.54 -6.64
C THR A 102 6.17 -29.44 -6.43
N ALA A 103 6.04 -30.41 -7.32
CA ALA A 103 4.98 -31.39 -7.17
C ALA A 103 5.45 -32.72 -7.77
N ALA A 104 4.81 -33.78 -7.31
CA ALA A 104 5.05 -35.11 -7.87
C ALA A 104 4.47 -35.27 -9.28
N ASP A 105 3.46 -34.48 -9.60
CA ASP A 105 2.89 -34.43 -10.95
C ASP A 105 3.39 -33.19 -11.68
N ILE A 106 4.10 -33.41 -12.77
CA ILE A 106 4.63 -32.31 -13.55
C ILE A 106 3.54 -31.38 -14.06
N ASN A 107 2.32 -31.94 -14.19
CA ASN A 107 1.18 -31.14 -14.69
C ASN A 107 0.32 -30.57 -13.59
N HIS A 108 0.83 -30.56 -12.35
CA HIS A 108 0.16 -29.92 -11.23
C HIS A 108 -0.11 -28.45 -11.57
N VAL A 109 -1.16 -27.85 -11.03
CA VAL A 109 -1.31 -26.41 -11.26
C VAL A 109 -0.16 -25.63 -10.63
N THR A 110 0.24 -24.54 -11.31
CA THR A 110 1.52 -23.89 -10.99
C THR A 110 1.48 -22.89 -9.84
N TRP A 111 0.31 -22.69 -9.24
CA TRP A 111 0.20 -21.69 -8.17
C TRP A 111 0.25 -22.34 -6.78
N SER A 112 0.44 -23.65 -6.77
CA SER A 112 0.59 -24.42 -5.55
C SER A 112 1.45 -25.67 -5.80
N GLY A 113 1.74 -26.42 -4.73
CA GLY A 113 2.58 -27.60 -4.87
C GLY A 113 2.42 -28.58 -3.73
N ASP A 114 3.12 -29.69 -3.87
CA ASP A 114 3.39 -30.59 -2.74
C ASP A 114 4.33 -29.85 -1.80
N TYR A 115 5.28 -29.12 -2.38
CA TYR A 115 6.23 -28.37 -1.54
C TYR A 115 6.33 -26.98 -2.06
N GLU A 116 6.64 -26.06 -1.17
CA GLU A 116 6.94 -24.67 -1.50
C GLU A 116 8.25 -24.31 -0.85
N LEU A 117 9.12 -23.70 -1.65
CA LEU A 117 10.40 -23.23 -1.15
C LEU A 117 10.37 -21.73 -1.28
N MET A 118 10.56 -21.04 -0.17
CA MET A 118 10.70 -19.57 -0.22
C MET A 118 12.07 -19.17 0.22
N ILE A 119 12.59 -18.15 -0.45
CA ILE A 119 13.88 -17.57 -0.04
C ILE A 119 13.60 -16.09 0.20
N TRP A 120 13.57 -15.70 1.47
CA TRP A 120 13.29 -14.32 1.83
C TRP A 120 14.57 -13.53 1.80
N LEU A 121 14.73 -12.67 0.80
CA LEU A 121 15.87 -11.76 0.78
C LEU A 121 15.74 -10.66 1.81
N ALA A 122 14.52 -10.35 2.20
CA ALA A 122 14.27 -9.32 3.22
C ALA A 122 13.01 -9.57 3.97
N ARG A 123 13.04 -9.15 5.23
CA ARG A 123 11.90 -9.14 6.11
C ARG A 123 11.84 -7.77 6.77
N TYR A 124 10.71 -7.11 6.69
CA TYR A 124 10.51 -5.81 7.33
C TYR A 124 9.37 -5.89 8.35
N GLY A 125 9.59 -5.25 9.50
CA GLY A 125 8.55 -5.12 10.50
C GLY A 125 8.19 -6.37 11.24
N GLY A 126 9.06 -7.38 11.20
CA GLY A 126 8.92 -8.54 12.06
C GLY A 126 7.93 -9.57 11.54
N VAL A 127 7.53 -9.45 10.28
CA VAL A 127 6.65 -10.47 9.72
C VAL A 127 7.37 -11.82 9.66
N GLN A 128 6.58 -12.87 9.80
CA GLN A 128 7.16 -14.20 9.95
C GLN A 128 6.68 -15.18 8.89
N PRO A 129 7.59 -16.06 8.48
CA PRO A 129 7.21 -17.13 7.59
C PRO A 129 6.15 -18.05 8.16
N ILE A 130 5.56 -18.83 7.26
CA ILE A 130 4.67 -19.93 7.61
C ILE A 130 5.35 -20.82 8.63
N GLY A 131 4.63 -21.22 9.68
CA GLY A 131 5.16 -22.25 10.58
C GLY A 131 6.07 -21.73 11.67
N SER A 132 7.17 -22.44 11.91
CA SER A 132 8.17 -22.09 12.92
C SER A 132 9.59 -22.26 12.43
N GLN A 133 10.54 -21.63 13.12
CA GLN A 133 11.95 -21.83 12.79
C GLN A 133 12.40 -23.19 13.28
N ILE A 134 13.00 -23.98 12.39
CA ILE A 134 13.44 -25.35 12.74
C ILE A 134 14.95 -25.47 12.72
N ALA A 135 15.64 -24.50 12.14
CA ALA A 135 17.09 -24.57 12.05
C ALA A 135 17.69 -23.23 11.66
N THR A 136 18.99 -23.13 11.83
CA THR A 136 19.81 -22.15 11.15
C THR A 136 20.67 -22.85 10.13
N ALA A 137 20.49 -22.51 8.86
CA ALA A 137 21.10 -23.27 7.76
C ALA A 137 22.23 -22.47 7.15
N THR A 138 23.31 -23.15 6.81
CA THR A 138 24.33 -22.55 6.01
C THR A 138 24.17 -23.03 4.57
N VAL A 139 24.07 -22.08 3.64
CA VAL A 139 23.94 -22.36 2.22
C VAL A 139 24.89 -21.40 1.50
N ASP A 140 25.81 -21.97 0.72
CA ASP A 140 26.76 -21.19 -0.08
C ASP A 140 27.48 -20.19 0.82
N GLY A 141 27.78 -20.60 2.05
CA GLY A 141 28.58 -19.79 2.98
C GLY A 141 27.91 -18.57 3.57
N GLN A 142 26.58 -18.59 3.60
CA GLN A 142 25.79 -17.52 4.18
C GLN A 142 24.82 -18.22 5.15
N THR A 143 24.49 -17.58 6.27
CA THR A 143 23.52 -18.17 7.19
C THR A 143 22.11 -17.65 6.91
N TRP A 144 21.16 -18.57 7.00
CA TRP A 144 19.75 -18.29 6.81
C TRP A 144 19.01 -18.91 7.96
N GLU A 145 17.93 -18.29 8.42
CA GLU A 145 16.95 -18.97 9.25
C GLU A 145 16.19 -19.95 8.38
N LEU A 146 15.91 -21.15 8.87
CA LEU A 146 15.11 -22.13 8.14
C LEU A 146 13.82 -22.40 8.88
N TRP A 147 12.70 -22.05 8.24
CA TRP A 147 11.38 -22.23 8.79
C TRP A 147 10.66 -23.34 8.04
N TYR A 148 9.76 -24.02 8.75
CA TYR A 148 8.87 -24.99 8.13
C TYR A 148 7.47 -24.87 8.65
N GLY A 149 6.51 -24.92 7.75
CA GLY A 149 5.10 -25.09 8.12
C GLY A 149 4.35 -25.78 7.00
N ALA A 150 3.13 -26.24 7.29
CA ALA A 150 2.31 -26.90 6.27
C ALA A 150 0.88 -26.32 6.28
N ASN A 151 0.26 -26.20 5.11
CA ASN A 151 -1.15 -25.84 5.00
C ASN A 151 -1.84 -26.75 4.01
N GLY A 152 -2.65 -27.66 4.53
CA GLY A 152 -3.23 -28.71 3.70
C GLY A 152 -2.17 -29.61 3.09
N SER A 153 -2.19 -29.71 1.76
CA SER A 153 -1.28 -30.59 1.04
C SER A 153 0.05 -29.88 0.72
N GLN A 154 0.18 -28.60 1.10
CA GLN A 154 1.37 -27.82 0.75
C GLN A 154 2.25 -27.65 1.98
N LYS A 155 3.51 -28.04 1.79
CA LYS A 155 4.53 -28.01 2.81
C LYS A 155 5.55 -26.95 2.42
N THR A 156 5.85 -26.03 3.34
CA THR A 156 6.63 -24.84 2.96
C THR A 156 7.87 -24.76 3.82
N TYR A 157 9.01 -24.75 3.15
CA TYR A 157 10.29 -24.37 3.75
C TYR A 157 10.60 -22.95 3.38
N SER A 158 11.00 -22.14 4.35
CA SER A 158 11.37 -20.75 4.07
C SER A 158 12.73 -20.46 4.62
N PHE A 159 13.63 -20.02 3.78
CA PHE A 159 14.96 -19.59 4.21
C PHE A 159 14.94 -18.07 4.34
N VAL A 160 15.38 -17.54 5.48
CA VAL A 160 15.26 -16.11 5.73
C VAL A 160 16.61 -15.42 6.01
N ALA A 161 16.94 -14.45 5.16
CA ALA A 161 18.14 -13.62 5.34
C ALA A 161 18.04 -12.80 6.63
N PRO A 162 19.16 -12.71 7.35
CA PRO A 162 19.17 -11.90 8.59
C PRO A 162 19.21 -10.39 8.37
N THR A 163 19.69 -9.98 7.20
CA THR A 163 19.69 -8.58 6.80
C THR A 163 19.31 -8.51 5.33
N PRO A 164 18.67 -7.42 4.90
CA PRO A 164 18.16 -7.41 3.52
C PRO A 164 19.24 -7.58 2.45
N ILE A 165 18.98 -8.46 1.51
CA ILE A 165 19.90 -8.73 0.44
C ILE A 165 19.32 -8.05 -0.80
N THR A 166 19.71 -6.79 -1.00
CA THR A 166 19.22 -5.95 -2.07
C THR A 166 19.88 -6.19 -3.39
N SER A 167 21.07 -6.79 -3.38
CA SER A 167 21.68 -7.27 -4.61
C SER A 167 22.12 -8.70 -4.48
N PHE A 168 21.21 -9.60 -4.80
CA PHE A 168 21.41 -10.98 -4.60
C PHE A 168 21.98 -11.62 -5.86
N GLN A 169 22.92 -12.52 -5.66
CA GLN A 169 23.34 -13.44 -6.70
C GLN A 169 23.54 -14.79 -6.08
N GLY A 170 22.95 -15.80 -6.67
CA GLY A 170 23.05 -17.11 -6.08
C GLY A 170 22.59 -18.19 -7.02
N ASP A 171 22.67 -19.41 -6.52
CA ASP A 171 22.18 -20.54 -7.22
C ASP A 171 21.08 -21.15 -6.37
N VAL A 172 19.83 -21.00 -6.78
CA VAL A 172 18.70 -21.48 -5.96
C VAL A 172 18.75 -22.97 -5.72
N ASN A 173 19.42 -23.71 -6.61
CA ASN A 173 19.55 -25.13 -6.46
C ASN A 173 20.34 -25.50 -5.22
N ASP A 174 21.15 -24.59 -4.71
CA ASP A 174 21.84 -24.83 -3.44
C ASP A 174 20.87 -25.07 -2.32
N PHE A 175 19.73 -24.38 -2.35
CA PHE A 175 18.68 -24.57 -1.35
C PHE A 175 17.98 -25.92 -1.46
N PHE A 176 17.69 -26.34 -2.69
CA PHE A 176 17.17 -27.68 -2.89
C PHE A 176 18.16 -28.75 -2.42
N LYS A 177 19.43 -28.60 -2.74
CA LYS A 177 20.43 -29.56 -2.29
C LYS A 177 20.46 -29.58 -0.76
N TYR A 178 20.40 -28.42 -0.11
CA TYR A 178 20.34 -28.36 1.34
C TYR A 178 19.18 -29.17 1.91
N LEU A 179 18.00 -29.01 1.34
CA LEU A 179 16.86 -29.76 1.83
C LEU A 179 16.97 -31.26 1.52
N THR A 180 17.50 -31.61 0.35
CA THR A 180 17.66 -32.98 -0.02
C THR A 180 18.62 -33.71 0.92
N GLN A 181 19.69 -33.01 1.22
CA GLN A 181 20.77 -33.59 2.04
C GLN A 181 20.45 -33.62 3.52
N ASN A 182 19.75 -32.60 4.01
CA ASN A 182 19.53 -32.44 5.46
C ASN A 182 18.12 -32.64 5.97
N HIS A 183 17.12 -32.57 5.08
CA HIS A 183 15.72 -32.70 5.46
C HIS A 183 14.90 -33.68 4.63
N GLY A 184 15.61 -34.61 4.00
CA GLY A 184 14.94 -35.73 3.34
C GLY A 184 14.04 -35.29 2.21
N PHE A 185 14.27 -34.12 1.65
CA PHE A 185 13.39 -33.67 0.55
C PHE A 185 13.48 -34.68 -0.59
N PRO A 186 12.32 -35.03 -1.16
CA PRO A 186 12.32 -36.11 -2.17
C PRO A 186 12.61 -35.54 -3.57
N ALA A 187 13.88 -35.21 -3.79
CA ALA A 187 14.27 -34.58 -5.04
C ALA A 187 14.01 -35.41 -6.29
N SER A 188 14.08 -36.73 -6.16
CA SER A 188 14.03 -37.59 -7.31
C SER A 188 12.61 -37.88 -7.71
N SER A 189 11.64 -37.34 -6.97
CA SER A 189 10.24 -37.52 -7.33
C SER A 189 9.42 -36.24 -7.27
N GLN A 190 10.09 -35.09 -7.16
CA GLN A 190 9.42 -33.80 -7.20
C GLN A 190 9.91 -33.02 -8.41
N TYR A 191 8.98 -32.56 -9.22
CA TYR A 191 9.26 -31.66 -10.33
C TYR A 191 9.23 -30.22 -9.84
N LEU A 192 10.20 -29.43 -10.29
CA LEU A 192 10.10 -27.99 -10.10
C LEU A 192 9.17 -27.41 -11.15
N ILE A 193 8.07 -26.77 -10.71
CA ILE A 193 7.02 -26.32 -11.63
C ILE A 193 6.82 -24.81 -11.69
N THR A 194 7.38 -24.08 -10.71
CA THR A 194 7.20 -22.62 -10.61
C THR A 194 8.43 -22.00 -9.96
N LEU A 195 8.85 -20.87 -10.51
CA LEU A 195 9.93 -20.06 -9.95
C LEU A 195 9.57 -18.60 -10.12
N GLN A 196 9.36 -17.92 -8.98
CA GLN A 196 8.94 -16.52 -8.94
C GLN A 196 9.77 -15.71 -7.94
N PHE A 197 9.74 -14.39 -8.12
CA PHE A 197 10.39 -13.46 -7.21
C PHE A 197 9.45 -12.28 -7.08
N GLY A 198 9.27 -11.81 -5.87
CA GLY A 198 8.39 -10.68 -5.64
C GLY A 198 8.38 -10.27 -4.17
N THR A 199 7.25 -9.71 -3.77
CA THR A 199 7.10 -9.15 -2.43
C THR A 199 5.74 -9.51 -1.85
N GLU A 200 5.72 -9.89 -0.56
CA GLU A 200 4.47 -10.08 0.16
C GLU A 200 4.24 -8.96 1.15
N PRO A 201 3.25 -8.09 0.86
CA PRO A 201 2.89 -7.06 1.81
C PRO A 201 1.90 -7.60 2.82
N PHE A 202 2.07 -7.21 4.08
CA PHE A 202 1.07 -7.42 5.08
C PHE A 202 0.35 -6.09 5.35
N THR A 203 1.11 -5.11 5.84
CA THR A 203 0.54 -3.79 6.13
C THR A 203 1.57 -2.71 5.85
N GLY A 204 1.04 -1.51 5.63
CA GLY A 204 1.86 -0.32 5.54
C GLY A 204 1.64 0.47 4.26
N GLY A 205 2.50 1.44 4.02
CA GLY A 205 2.49 2.19 2.78
C GLY A 205 2.10 3.65 2.92
N PRO A 206 2.04 4.37 1.79
CA PRO A 206 2.45 3.86 0.49
C PRO A 206 3.90 3.44 0.41
N ALA A 207 4.17 2.38 -0.35
CA ALA A 207 5.52 1.87 -0.49
C ALA A 207 5.72 1.23 -1.85
N THR A 208 6.90 1.43 -2.39
CA THR A 208 7.24 0.97 -3.73
C THR A 208 8.46 0.07 -3.69
N LEU A 209 8.28 -1.15 -4.20
CA LEU A 209 9.39 -2.07 -4.55
C LEU A 209 9.81 -1.83 -5.96
N SER A 210 11.08 -1.49 -6.15
CA SER A 210 11.63 -1.33 -7.47
C SER A 210 12.62 -2.45 -7.73
N VAL A 211 12.32 -3.25 -8.73
CA VAL A 211 13.17 -4.35 -9.11
C VAL A 211 13.93 -3.94 -10.36
N SER A 212 15.17 -3.51 -10.16
CA SER A 212 15.96 -3.03 -11.30
C SER A 212 16.33 -4.16 -12.24
N ASN A 213 16.46 -5.36 -11.69
CA ASN A 213 16.65 -6.53 -12.51
C ASN A 213 16.30 -7.78 -11.72
N TRP A 214 15.59 -8.68 -12.38
CA TRP A 214 15.50 -10.07 -11.94
C TRP A 214 15.82 -10.98 -13.12
N SER A 215 16.75 -11.91 -12.91
CA SER A 215 17.11 -12.92 -13.93
C SER A 215 17.12 -14.28 -13.27
N ALA A 216 16.62 -15.29 -13.97
CA ALA A 216 16.71 -16.65 -13.50
C ALA A 216 16.74 -17.64 -14.66
N SER A 217 17.40 -18.77 -14.46
CA SER A 217 17.33 -19.89 -15.40
C SER A 217 17.31 -21.16 -14.60
N VAL A 218 16.66 -22.18 -15.13
CA VAL A 218 16.64 -23.49 -14.52
C VAL A 218 17.34 -24.40 -15.51
N GLN A 219 18.47 -24.94 -15.10
CA GLN A 219 19.36 -25.64 -16.04
C GLN A 219 19.66 -27.05 -15.55
N GLN B 2 3.89 6.78 19.71
CA GLN B 2 3.86 7.84 18.67
C GLN B 2 4.19 7.33 17.24
N LEU B 3 3.60 7.98 16.24
CA LEU B 3 3.90 7.75 14.85
C LEU B 3 4.69 8.92 14.28
N CYS B 4 6.02 8.81 14.25
CA CYS B 4 6.89 9.90 13.82
C CYS B 4 7.53 9.74 12.45
N ASP B 5 7.71 8.51 11.97
CA ASP B 5 8.30 8.28 10.67
C ASP B 5 7.36 8.72 9.54
N GLN B 6 7.89 8.86 8.34
CA GLN B 6 7.15 9.47 7.28
C GLN B 6 5.78 8.84 7.04
N TYR B 7 5.74 7.50 7.00
CA TYR B 7 4.47 6.81 6.78
C TYR B 7 4.13 5.85 7.90
N ALA B 8 4.50 6.27 9.11
CA ALA B 8 4.13 5.50 10.29
C ALA B 8 2.61 5.45 10.50
N THR B 9 2.08 4.26 10.69
CA THR B 9 0.65 4.03 10.60
C THR B 9 0.19 3.11 11.69
N TYR B 10 -1.04 3.33 12.16
CA TYR B 10 -1.71 2.41 13.06
C TYR B 10 -3.13 2.25 12.58
N THR B 11 -3.67 1.03 12.69
CA THR B 11 -5.07 0.74 12.32
C THR B 11 -5.76 0.06 13.50
N GLY B 12 -6.95 0.57 13.82
CA GLY B 12 -7.82 -0.03 14.85
C GLY B 12 -9.24 0.05 14.31
N GLY B 13 -9.99 -1.04 14.39
CA GLY B 13 -11.34 -1.01 13.82
C GLY B 13 -11.25 -0.70 12.35
N VAL B 14 -12.11 0.22 11.89
CA VAL B 14 -12.13 0.62 10.51
C VAL B 14 -11.41 1.92 10.27
N TYR B 15 -10.53 2.31 11.19
CA TYR B 15 -9.78 3.54 11.05
C TYR B 15 -8.29 3.28 10.98
N THR B 16 -7.64 3.95 10.02
CA THR B 16 -6.20 3.88 9.84
C THR B 16 -5.67 5.29 9.98
N ILE B 17 -4.73 5.46 10.90
CA ILE B 17 -4.09 6.75 11.11
C ILE B 17 -2.66 6.72 10.65
N ASN B 18 -2.32 7.58 9.71
CA ASN B 18 -1.00 7.62 9.06
C ASN B 18 -0.44 9.02 9.32
N ASN B 19 0.77 9.09 9.81
CA ASN B 19 1.44 10.38 9.97
C ASN B 19 1.60 11.09 8.62
N ASN B 20 1.95 10.34 7.58
CA ASN B 20 1.83 10.79 6.19
C ASN B 20 2.54 12.12 5.93
N LEU B 21 3.84 12.15 6.22
CA LEU B 21 4.65 13.33 5.94
C LEU B 21 5.13 13.37 4.48
N TRP B 22 4.18 13.34 3.57
CA TRP B 22 4.51 13.11 2.15
C TRP B 22 5.33 14.24 1.57
N GLY B 23 5.16 15.45 2.12
CA GLY B 23 5.83 16.62 1.59
C GLY B 23 6.99 17.10 2.44
N LYS B 24 7.55 16.23 3.27
CA LYS B 24 8.54 16.65 4.25
C LYS B 24 9.80 17.25 3.60
N ASP B 25 10.08 16.84 2.37
CA ASP B 25 11.27 17.36 1.69
C ASP B 25 11.06 18.76 1.15
N ALA B 26 9.82 19.26 1.15
CA ALA B 26 9.58 20.63 0.69
C ALA B 26 9.96 21.66 1.73
N GLY B 27 10.22 21.24 2.95
CA GLY B 27 10.64 22.17 3.98
C GLY B 27 11.37 21.53 5.15
N SER B 28 11.44 22.28 6.23
CA SER B 28 12.21 21.91 7.38
C SER B 28 11.25 21.82 8.58
N GLY B 29 11.27 20.67 9.25
CA GLY B 29 10.49 20.56 10.48
C GLY B 29 10.33 19.15 10.95
N SER B 30 9.31 18.91 11.76
CA SER B 30 9.15 17.61 12.42
C SER B 30 7.67 17.48 12.73
N GLN B 31 7.19 16.24 12.88
CA GLN B 31 5.76 15.98 13.10
C GLN B 31 5.53 14.55 13.53
N CYS B 32 4.77 14.38 14.62
CA CYS B 32 4.41 13.09 15.14
C CYS B 32 2.93 13.05 15.46
N THR B 33 2.32 11.89 15.25
CA THR B 33 0.88 11.67 15.37
C THR B 33 0.69 10.60 16.41
N THR B 34 -0.29 10.81 17.28
CA THR B 34 -0.61 9.91 18.38
C THR B 34 -2.07 9.43 18.24
N VAL B 35 -2.31 8.13 18.38
CA VAL B 35 -3.66 7.60 18.32
C VAL B 35 -4.20 7.38 19.73
N ASN B 36 -5.29 8.05 20.07
CA ASN B 36 -5.93 7.85 21.39
C ASN B 36 -6.86 6.63 21.37
N SER B 37 -7.64 6.50 20.31
CA SER B 37 -8.59 5.41 20.19
C SER B 37 -9.00 5.23 18.73
N ALA B 38 -9.33 4.01 18.37
CA ALA B 38 -9.77 3.65 17.01
C ALA B 38 -10.54 2.34 17.08
N SER B 39 -11.81 2.42 16.75
CA SER B 39 -12.74 1.32 17.01
C SER B 39 -13.68 1.20 15.83
N SER B 40 -14.66 0.32 15.91
CA SER B 40 -15.72 0.30 14.93
C SER B 40 -16.55 1.58 14.84
N ALA B 41 -16.59 2.37 15.91
CA ALA B 41 -17.49 3.50 16.00
C ALA B 41 -16.85 4.84 15.61
N GLY B 42 -15.54 4.95 15.81
CA GLY B 42 -14.91 6.25 15.61
C GLY B 42 -13.45 6.18 16.00
N THR B 43 -12.76 7.32 15.88
CA THR B 43 -11.37 7.43 16.25
C THR B 43 -11.05 8.78 16.87
N SER B 44 -10.05 8.82 17.74
CA SER B 44 -9.57 10.05 18.31
C SER B 44 -8.07 10.02 18.25
N TRP B 45 -7.46 11.12 17.81
CA TRP B 45 -6.03 11.12 17.54
C TRP B 45 -5.55 12.56 17.53
N SER B 46 -4.26 12.77 17.63
CA SER B 46 -3.68 14.12 17.60
C SER B 46 -2.43 14.10 16.75
N THR B 47 -2.04 15.26 16.26
CA THR B 47 -0.78 15.39 15.58
C THR B 47 -0.15 16.74 15.92
N LYS B 48 1.17 16.75 16.08
CA LYS B 48 1.87 17.94 16.49
C LYS B 48 3.08 18.16 15.61
N TRP B 49 3.30 19.41 15.23
CA TRP B 49 4.25 19.69 14.17
C TRP B 49 4.83 21.08 14.29
N ASN B 50 5.97 21.26 13.64
CA ASN B 50 6.48 22.56 13.31
C ASN B 50 7.11 22.47 11.92
N TRP B 51 6.77 23.40 11.06
CA TRP B 51 7.23 23.40 9.68
C TRP B 51 7.63 24.80 9.24
N SER B 52 8.72 24.85 8.50
CA SER B 52 9.09 26.11 7.82
C SER B 52 9.60 25.82 6.44
N GLY B 53 9.66 26.84 5.60
CA GLY B 53 10.13 26.65 4.23
C GLY B 53 8.99 26.19 3.34
N GLY B 54 9.21 26.28 2.03
CA GLY B 54 8.23 25.80 1.07
C GLY B 54 6.87 26.42 1.31
N GLU B 55 6.82 27.74 1.27
CA GLU B 55 5.70 28.53 1.80
C GLU B 55 4.35 28.03 1.27
N ASN B 56 4.30 27.63 0.01
CA ASN B 56 3.01 27.24 -0.58
C ASN B 56 2.91 25.74 -0.88
N SER B 57 3.74 24.96 -0.21
CA SER B 57 3.78 23.51 -0.36
C SER B 57 3.26 22.86 0.92
N VAL B 58 2.34 21.94 0.74
CA VAL B 58 1.89 21.10 1.86
C VAL B 58 3.01 20.16 2.30
N LYS B 59 3.25 20.08 3.61
CA LYS B 59 4.34 19.28 4.16
C LYS B 59 3.88 17.87 4.49
N SER B 60 2.59 17.72 4.76
CA SER B 60 2.10 16.45 5.30
C SER B 60 0.57 16.46 5.27
N TYR B 61 -0.02 15.28 5.47
CA TYR B 61 -1.45 15.14 5.72
C TYR B 61 -1.68 13.97 6.67
N ALA B 62 -1.23 14.16 7.90
CA ALA B 62 -1.58 13.24 8.95
C ALA B 62 -3.10 13.14 9.03
N ASN B 63 -3.59 11.91 9.02
CA ASN B 63 -5.02 11.70 8.83
C ASN B 63 -5.45 10.38 9.41
N SER B 64 -6.76 10.31 9.65
CA SER B 64 -7.46 9.06 9.77
C SER B 64 -8.27 8.77 8.54
N GLY B 65 -8.09 7.55 8.05
CA GLY B 65 -8.82 7.06 6.89
C GLY B 65 -9.73 5.92 7.21
N LEU B 66 -10.84 5.88 6.51
CA LEU B 66 -11.86 4.87 6.68
C LEU B 66 -11.70 3.68 5.76
N THR B 67 -11.96 2.50 6.34
CA THR B 67 -12.13 1.29 5.56
C THR B 67 -13.61 1.09 5.30
N PHE B 68 -13.93 1.02 4.02
CA PHE B 68 -15.33 0.88 3.60
C PHE B 68 -15.40 0.15 2.27
N ASN B 69 -16.60 -0.24 1.86
CA ASN B 69 -16.80 -0.89 0.60
C ASN B 69 -16.85 0.08 -0.57
N LYS B 70 -15.82 0.02 -1.39
CA LYS B 70 -15.67 0.94 -2.50
C LYS B 70 -16.80 0.68 -3.46
N LYS B 71 -17.33 1.76 -4.01
CA LYS B 71 -18.49 1.65 -4.89
C LYS B 71 -18.68 2.93 -5.69
N LEU B 72 -19.46 2.83 -6.76
CA LEU B 72 -19.70 3.98 -7.61
C LEU B 72 -20.43 5.06 -6.84
N VAL B 73 -19.98 6.30 -7.05
CA VAL B 73 -20.56 7.45 -6.37
C VAL B 73 -22.08 7.50 -6.58
N SER B 74 -22.53 7.21 -7.81
CA SER B 74 -23.96 7.29 -8.11
C SER B 74 -24.79 6.29 -7.32
N GLN B 75 -24.14 5.29 -6.74
CA GLN B 75 -24.77 4.20 -6.00
C GLN B 75 -24.55 4.32 -4.51
N ILE B 76 -24.13 5.51 -4.08
CA ILE B 76 -24.02 5.83 -2.69
C ILE B 76 -25.28 6.60 -2.28
N SER B 77 -25.88 6.18 -1.18
CA SER B 77 -26.98 6.89 -0.54
C SER B 77 -26.54 7.96 0.43
N GLN B 78 -25.66 7.61 1.36
CA GLN B 78 -25.19 8.58 2.35
C GLN B 78 -23.72 8.29 2.66
N ILE B 79 -23.03 9.35 3.05
CA ILE B 79 -21.70 9.27 3.68
C ILE B 79 -21.77 10.11 4.95
N PRO B 80 -22.41 9.56 5.99
CA PRO B 80 -22.46 10.33 7.23
C PRO B 80 -21.10 10.47 7.84
N THR B 81 -20.85 11.60 8.47
CA THR B 81 -19.59 11.86 9.14
C THR B 81 -19.75 12.86 10.25
N THR B 82 -18.94 12.66 11.29
CA THR B 82 -18.80 13.60 12.39
C THR B 82 -17.31 13.92 12.57
N ALA B 83 -16.99 15.18 12.88
CA ALA B 83 -15.60 15.58 13.14
C ALA B 83 -15.65 16.58 14.25
N ARG B 84 -14.87 16.35 15.31
CA ARG B 84 -14.75 17.33 16.38
C ARG B 84 -13.29 17.48 16.74
N TRP B 85 -12.78 18.70 16.64
CA TRP B 85 -11.35 18.91 16.69
C TRP B 85 -11.05 20.32 17.18
N SER B 86 -9.80 20.55 17.53
CA SER B 86 -9.31 21.91 17.79
C SER B 86 -7.79 21.96 17.63
N TYR B 87 -7.30 23.15 17.28
CA TYR B 87 -5.85 23.43 17.27
C TYR B 87 -5.53 24.21 18.51
N ASP B 88 -4.34 23.99 19.08
CA ASP B 88 -3.95 24.80 20.24
C ASP B 88 -3.38 26.14 19.84
N ASN B 89 -2.89 26.23 18.62
CA ASN B 89 -2.22 27.38 18.10
C ASN B 89 -2.80 27.61 16.72
N THR B 90 -3.67 28.62 16.58
CA THR B 90 -4.26 28.94 15.29
C THR B 90 -3.50 30.01 14.51
N GLY B 91 -2.32 30.41 15.02
CA GLY B 91 -1.41 31.31 14.34
C GLY B 91 -0.46 30.60 13.38
N ILE B 92 -1.09 29.89 12.45
CA ILE B 92 -0.42 28.93 11.60
C ILE B 92 -0.96 29.09 10.20
N ARG B 93 -0.27 28.47 9.25
CA ARG B 93 -0.70 28.43 7.87
C ARG B 93 -0.93 26.95 7.56
N ALA B 94 -2.20 26.55 7.60
CA ALA B 94 -2.58 25.13 7.56
C ALA B 94 -4.05 25.05 7.21
N ASP B 95 -4.49 23.86 6.81
CA ASP B 95 -5.93 23.60 6.68
C ASP B 95 -6.27 22.37 7.53
N VAL B 96 -7.56 22.21 7.80
CA VAL B 96 -8.09 20.96 8.38
C VAL B 96 -9.13 20.54 7.36
N ALA B 97 -8.99 19.32 6.85
CA ALA B 97 -9.80 18.89 5.71
C ALA B 97 -10.08 17.42 5.61
N TYR B 98 -11.25 17.13 5.06
CA TYR B 98 -11.54 15.86 4.43
C TYR B 98 -10.82 15.74 3.11
N ASP B 99 -10.39 14.53 2.76
CA ASP B 99 -9.76 14.29 1.47
C ASP B 99 -10.32 12.96 0.94
N LEU B 100 -11.01 12.99 -0.20
CA LEU B 100 -11.60 11.85 -0.86
C LEU B 100 -11.08 11.74 -2.26
N PHE B 101 -10.80 10.51 -2.69
CA PHE B 101 -10.46 10.27 -4.07
C PHE B 101 -11.50 9.40 -4.76
N THR B 102 -11.69 9.63 -6.06
CA THR B 102 -12.49 8.72 -6.88
C THR B 102 -11.67 8.33 -8.10
N ALA B 103 -11.99 7.20 -8.67
CA ALA B 103 -11.35 6.77 -9.90
C ALA B 103 -12.29 5.91 -10.75
N ALA B 104 -12.06 5.89 -12.05
CA ALA B 104 -12.86 5.03 -12.91
C ALA B 104 -12.64 3.55 -12.71
N ASP B 105 -11.50 3.20 -12.12
CA ASP B 105 -11.15 1.83 -11.84
C ASP B 105 -11.10 1.60 -10.33
N ILE B 106 -11.90 0.65 -9.84
CA ILE B 106 -12.00 0.37 -8.41
C ILE B 106 -10.69 -0.10 -7.78
N ASN B 107 -9.72 -0.48 -8.62
CA ASN B 107 -8.43 -0.93 -8.20
C ASN B 107 -7.35 0.14 -8.31
N HIS B 108 -7.77 1.38 -8.58
CA HIS B 108 -6.80 2.49 -8.65
C HIS B 108 -6.10 2.63 -7.32
N VAL B 109 -4.86 3.09 -7.34
CA VAL B 109 -4.20 3.33 -6.07
C VAL B 109 -4.95 4.39 -5.23
N THR B 110 -4.88 4.24 -3.92
CA THR B 110 -5.78 4.97 -3.03
C THR B 110 -5.25 6.34 -2.64
N TRP B 111 -4.01 6.62 -2.98
CA TRP B 111 -3.40 7.94 -2.64
C TRP B 111 -3.51 9.03 -3.69
N SER B 112 -4.15 8.73 -4.80
CA SER B 112 -4.49 9.66 -5.86
C SER B 112 -5.79 9.18 -6.53
N GLY B 113 -6.25 9.94 -7.52
CA GLY B 113 -7.55 9.68 -8.12
C GLY B 113 -7.66 10.35 -9.47
N ASP B 114 -8.68 9.96 -10.23
CA ASP B 114 -9.19 10.80 -11.32
C ASP B 114 -9.68 12.13 -10.76
N TYR B 115 -10.40 12.06 -9.64
CA TYR B 115 -10.92 13.25 -8.98
C TYR B 115 -10.53 13.19 -7.53
N GLU B 116 -10.36 14.38 -6.94
CA GLU B 116 -10.15 14.52 -5.50
C GLU B 116 -11.22 15.51 -5.03
N LEU B 117 -11.91 15.15 -3.96
CA LEU B 117 -12.83 16.04 -3.33
C LEU B 117 -12.24 16.38 -1.96
N MET B 118 -12.00 17.67 -1.67
CA MET B 118 -11.65 18.11 -0.35
C MET B 118 -12.74 18.95 0.27
N ILE B 119 -12.91 18.77 1.57
CA ILE B 119 -13.82 19.65 2.32
C ILE B 119 -12.99 20.23 3.46
N TRP B 120 -12.65 21.51 3.34
CA TRP B 120 -11.81 22.20 4.31
C TRP B 120 -12.67 22.72 5.45
N LEU B 121 -12.67 22.05 6.59
CA LEU B 121 -13.34 22.59 7.73
C LEU B 121 -12.72 23.86 8.25
N ALA B 122 -11.42 24.03 8.00
CA ALA B 122 -10.75 25.26 8.43
C ALA B 122 -9.64 25.61 7.49
N ARG B 123 -9.51 26.93 7.26
CA ARG B 123 -8.38 27.50 6.60
C ARG B 123 -7.74 28.51 7.54
N TYR B 124 -6.50 28.26 7.90
CA TYR B 124 -5.74 29.20 8.72
C TYR B 124 -4.63 29.89 7.95
N GLY B 125 -4.46 31.17 8.25
CA GLY B 125 -3.32 31.88 7.71
C GLY B 125 -3.39 32.12 6.20
N GLY B 126 -4.58 31.99 5.63
CA GLY B 126 -4.81 32.37 4.24
C GLY B 126 -4.28 31.39 3.21
N VAL B 127 -3.93 30.17 3.64
CA VAL B 127 -3.42 29.18 2.69
C VAL B 127 -4.49 28.88 1.67
N GLN B 128 -4.06 28.64 0.43
CA GLN B 128 -5.08 28.47 -0.59
C GLN B 128 -5.22 27.06 -1.13
N PRO B 129 -6.45 26.70 -1.47
CA PRO B 129 -6.67 25.44 -2.14
C PRO B 129 -6.06 25.37 -3.52
N ILE B 130 -6.00 24.16 -4.01
CA ILE B 130 -5.60 23.92 -5.37
C ILE B 130 -6.50 24.71 -6.30
N GLY B 131 -5.92 25.39 -7.29
CA GLY B 131 -6.75 26.01 -8.32
C GLY B 131 -7.23 27.44 -8.05
N SER B 132 -8.49 27.69 -8.34
CA SER B 132 -9.15 28.98 -8.09
C SER B 132 -10.60 28.76 -7.70
N GLN B 133 -11.19 29.76 -7.07
CA GLN B 133 -12.57 29.67 -6.72
C GLN B 133 -13.43 29.75 -7.98
N ILE B 134 -14.48 28.93 -8.04
CA ILE B 134 -15.40 28.91 -9.19
C ILE B 134 -16.88 29.09 -8.79
N ALA B 135 -17.17 29.00 -7.51
CA ALA B 135 -18.53 29.17 -7.06
C ALA B 135 -18.59 29.32 -5.54
N THR B 136 -19.81 29.59 -5.08
CA THR B 136 -20.18 29.48 -3.70
C THR B 136 -21.37 28.53 -3.65
N ALA B 137 -21.30 27.56 -2.76
CA ALA B 137 -22.23 26.46 -2.72
C ALA B 137 -22.86 26.34 -1.35
N THR B 138 -24.17 26.10 -1.30
CA THR B 138 -24.84 25.85 -0.05
C THR B 138 -25.20 24.37 0.14
N VAL B 139 -24.85 23.82 1.31
CA VAL B 139 -25.19 22.44 1.65
C VAL B 139 -25.68 22.36 3.07
N ASP B 140 -26.87 21.80 3.29
CA ASP B 140 -27.42 21.66 4.65
C ASP B 140 -27.37 23.01 5.36
N GLY B 141 -27.71 24.04 4.59
CA GLY B 141 -27.94 25.39 5.11
C GLY B 141 -26.67 26.19 5.30
N GLN B 142 -25.53 25.61 4.92
CA GLN B 142 -24.23 26.13 5.28
C GLN B 142 -23.41 26.39 4.00
N THR B 143 -22.82 27.58 3.89
CA THR B 143 -22.20 27.99 2.63
C THR B 143 -20.72 27.61 2.61
N TRP B 144 -20.24 27.31 1.42
CA TRP B 144 -18.85 26.93 1.19
C TRP B 144 -18.34 27.69 -0.03
N GLU B 145 -17.06 28.03 -0.02
CA GLU B 145 -16.36 28.39 -1.25
C GLU B 145 -16.11 27.11 -2.03
N LEU B 146 -16.31 27.11 -3.35
CA LEU B 146 -15.94 25.97 -4.18
C LEU B 146 -14.78 26.31 -5.10
N TRP B 147 -13.71 25.55 -4.97
CA TRP B 147 -12.49 25.75 -5.72
C TRP B 147 -12.26 24.56 -6.64
N TYR B 148 -11.56 24.80 -7.76
CA TYR B 148 -11.18 23.73 -8.66
C TYR B 148 -9.82 23.99 -9.28
N GLY B 149 -9.03 22.93 -9.38
CA GLY B 149 -7.79 22.95 -10.12
C GLY B 149 -7.34 21.54 -10.48
N ALA B 150 -6.33 21.41 -11.32
CA ALA B 150 -5.85 20.10 -11.71
C ALA B 150 -4.33 20.03 -11.65
N ASN B 151 -3.84 18.84 -11.34
CA ASN B 151 -2.42 18.48 -11.36
C ASN B 151 -2.27 17.13 -12.05
N GLY B 152 -1.86 17.20 -13.31
CA GLY B 152 -1.78 16.03 -14.17
C GLY B 152 -3.16 15.46 -14.38
N SER B 153 -3.30 14.18 -14.05
CA SER B 153 -4.56 13.46 -14.24
C SER B 153 -5.50 13.71 -13.05
N GLN B 154 -4.98 14.35 -12.00
CA GLN B 154 -5.82 14.55 -10.81
C GLN B 154 -6.47 15.92 -10.78
N LYS B 155 -7.80 15.87 -10.77
CA LYS B 155 -8.65 17.05 -10.77
C LYS B 155 -9.22 17.18 -9.35
N THR B 156 -9.10 18.37 -8.76
CA THR B 156 -9.47 18.55 -7.37
C THR B 156 -10.53 19.63 -7.24
N TYR B 157 -11.65 19.26 -6.62
CA TYR B 157 -12.61 20.21 -6.10
C TYR B 157 -12.40 20.35 -4.61
N SER B 158 -12.37 21.58 -4.11
CA SER B 158 -12.24 21.84 -2.68
C SER B 158 -13.37 22.74 -2.22
N PHE B 159 -14.18 22.23 -1.29
CA PHE B 159 -15.19 23.06 -0.60
C PHE B 159 -14.52 23.65 0.63
N VAL B 160 -14.55 24.97 0.79
CA VAL B 160 -13.81 25.62 1.85
C VAL B 160 -14.76 26.40 2.76
N ALA B 161 -14.65 26.15 4.06
CA ALA B 161 -15.45 26.87 5.03
C ALA B 161 -14.96 28.28 5.18
N PRO B 162 -15.90 29.22 5.18
CA PRO B 162 -15.47 30.61 5.39
C PRO B 162 -14.94 30.88 6.79
N THR B 163 -15.43 30.14 7.78
CA THR B 163 -14.96 30.27 9.15
C THR B 163 -14.75 28.85 9.66
N PRO B 164 -13.85 28.66 10.62
CA PRO B 164 -13.49 27.29 11.00
C PRO B 164 -14.65 26.54 11.63
N ILE B 165 -14.82 25.30 11.22
CA ILE B 165 -15.86 24.47 11.78
C ILE B 165 -15.15 23.37 12.61
N THR B 166 -15.17 23.53 13.93
CA THR B 166 -14.52 22.64 14.87
C THR B 166 -15.46 21.53 15.31
N SER B 167 -16.74 21.67 15.02
CA SER B 167 -17.69 20.59 15.27
C SER B 167 -18.59 20.46 14.06
N PHE B 168 -18.39 19.38 13.32
CA PHE B 168 -19.09 19.15 12.05
C PHE B 168 -19.88 17.86 12.12
N GLN B 169 -21.07 17.85 11.54
CA GLN B 169 -21.77 16.61 11.25
C GLN B 169 -22.51 16.83 9.95
N GLY B 170 -22.29 15.93 9.02
CA GLY B 170 -22.92 16.10 7.73
C GLY B 170 -22.86 14.84 6.92
N ASP B 171 -23.34 14.93 5.68
CA ASP B 171 -23.37 13.82 4.78
C ASP B 171 -22.55 14.20 3.56
N VAL B 172 -21.37 13.59 3.44
CA VAL B 172 -20.44 14.00 2.42
C VAL B 172 -21.05 13.75 1.06
N ASN B 173 -21.99 12.81 0.98
CA ASN B 173 -22.61 12.57 -0.30
C ASN B 173 -23.43 13.75 -0.82
N ASP B 174 -23.80 14.70 0.04
CA ASP B 174 -24.44 15.91 -0.45
C ASP B 174 -23.46 16.75 -1.27
N PHE B 175 -22.15 16.67 -0.97
CA PHE B 175 -21.16 17.39 -1.76
C PHE B 175 -20.93 16.71 -3.13
N PHE B 176 -20.91 15.38 -3.16
CA PHE B 176 -20.89 14.65 -4.44
C PHE B 176 -22.13 15.00 -5.29
N LYS B 177 -23.30 15.01 -4.66
CA LYS B 177 -24.53 15.36 -5.38
C LYS B 177 -24.42 16.76 -5.98
N TYR B 178 -23.95 17.71 -5.19
CA TYR B 178 -23.75 19.08 -5.68
C TYR B 178 -22.87 19.09 -6.93
N LEU B 179 -21.75 18.37 -6.91
CA LEU B 179 -20.88 18.33 -8.08
C LEU B 179 -21.53 17.63 -9.26
N THR B 180 -22.25 16.55 -9.01
CA THR B 180 -22.93 15.81 -10.07
C THR B 180 -23.99 16.66 -10.77
N GLN B 181 -24.72 17.41 -9.95
CA GLN B 181 -25.87 18.16 -10.43
C GLN B 181 -25.43 19.48 -11.04
N ASN B 182 -24.33 20.08 -10.56
CA ASN B 182 -23.97 21.43 -10.98
C ASN B 182 -22.67 21.55 -11.79
N HIS B 183 -21.79 20.56 -11.69
CA HIS B 183 -20.51 20.58 -12.35
C HIS B 183 -20.18 19.35 -13.21
N GLY B 184 -21.21 18.65 -13.65
CA GLY B 184 -20.99 17.52 -14.54
C GLY B 184 -20.13 16.39 -13.97
N PHE B 185 -20.03 16.27 -12.65
CA PHE B 185 -19.17 15.24 -12.11
C PHE B 185 -19.72 13.85 -12.56
N PRO B 186 -18.84 12.95 -13.02
CA PRO B 186 -19.34 11.70 -13.61
C PRO B 186 -19.52 10.64 -12.52
N ALA B 187 -20.53 10.85 -11.70
CA ALA B 187 -20.79 9.98 -10.56
C ALA B 187 -21.01 8.53 -10.97
N SER B 188 -21.62 8.32 -12.12
CA SER B 188 -21.97 6.97 -12.57
C SER B 188 -20.83 6.15 -13.11
N SER B 189 -19.66 6.75 -13.22
CA SER B 189 -18.47 6.02 -13.67
C SER B 189 -17.25 6.26 -12.77
N GLN B 190 -17.45 6.82 -11.58
CA GLN B 190 -16.37 7.06 -10.65
C GLN B 190 -16.65 6.29 -9.35
N TYR B 191 -15.67 5.47 -8.98
CA TYR B 191 -15.68 4.75 -7.69
C TYR B 191 -15.09 5.60 -6.60
N LEU B 192 -15.77 5.69 -5.47
CA LEU B 192 -15.18 6.29 -4.28
C LEU B 192 -14.19 5.29 -3.70
N ILE B 193 -12.91 5.67 -3.64
CA ILE B 193 -11.85 4.76 -3.22
C ILE B 193 -11.13 5.13 -1.92
N THR B 194 -11.28 6.37 -1.44
CA THR B 194 -10.57 6.85 -0.26
C THR B 194 -11.45 7.90 0.42
N LEU B 195 -11.44 7.86 1.74
CA LEU B 195 -12.08 8.85 2.57
C LEU B 195 -11.24 9.05 3.80
N GLN B 196 -10.67 10.25 3.90
CA GLN B 196 -9.73 10.60 4.98
C GLN B 196 -10.11 11.94 5.60
N PHE B 197 -9.62 12.16 6.81
CA PHE B 197 -9.78 13.43 7.53
C PHE B 197 -8.49 13.74 8.27
N GLY B 198 -7.99 14.98 8.11
CA GLY B 198 -6.74 15.32 8.76
C GLY B 198 -6.39 16.78 8.50
N THR B 199 -5.10 17.08 8.56
CA THR B 199 -4.64 18.45 8.48
C THR B 199 -3.46 18.56 7.53
N GLU B 200 -3.45 19.63 6.71
CA GLU B 200 -2.30 19.93 5.86
C GLU B 200 -1.58 21.17 6.39
N PRO B 201 -0.39 20.98 6.95
CA PRO B 201 0.40 22.13 7.39
C PRO B 201 1.15 22.67 6.20
N PHE B 202 1.29 23.99 6.14
CA PHE B 202 2.21 24.66 5.22
C PHE B 202 3.41 25.21 6.00
N THR B 203 3.15 26.12 6.94
CA THR B 203 4.17 26.60 7.84
C THR B 203 3.58 26.95 9.20
N GLY B 204 4.47 27.03 10.18
CA GLY B 204 4.10 27.40 11.51
C GLY B 204 4.47 26.38 12.56
N GLY B 205 4.05 26.69 13.78
CA GLY B 205 4.17 25.77 14.89
C GLY B 205 5.09 26.31 15.96
N PRO B 206 5.28 25.58 17.02
CA PRO B 206 4.63 24.29 17.30
C PRO B 206 3.11 24.39 17.41
N ALA B 207 2.42 23.43 16.80
CA ALA B 207 0.98 23.40 16.77
C ALA B 207 0.49 21.96 16.85
N THR B 208 -0.56 21.76 17.62
CA THR B 208 -1.14 20.45 17.80
C THR B 208 -2.62 20.49 17.41
N LEU B 209 -2.97 19.61 16.49
CA LEU B 209 -4.38 19.29 16.21
C LEU B 209 -4.79 18.16 17.12
N SER B 210 -5.90 18.38 17.80
CA SER B 210 -6.49 17.33 18.62
C SER B 210 -7.83 16.97 18.05
N VAL B 211 -7.93 15.79 17.49
CA VAL B 211 -9.20 15.30 16.98
C VAL B 211 -9.85 14.45 18.06
N SER B 212 -10.84 15.03 18.73
CA SER B 212 -11.49 14.34 19.84
C SER B 212 -12.44 13.24 19.36
N ASN B 213 -12.94 13.41 18.14
CA ASN B 213 -13.73 12.37 17.50
C ASN B 213 -13.79 12.57 16.01
N TRP B 214 -13.60 11.48 15.26
CA TRP B 214 -13.92 11.45 13.84
C TRP B 214 -14.62 10.14 13.57
N SER B 215 -15.72 10.18 12.83
CA SER B 215 -16.32 8.97 12.31
C SER B 215 -16.85 9.23 10.92
N ALA B 216 -16.99 8.15 10.18
CA ALA B 216 -17.62 8.17 8.89
C ALA B 216 -18.10 6.80 8.52
N SER B 217 -19.07 6.74 7.58
CA SER B 217 -19.44 5.52 6.94
C SER B 217 -19.86 5.81 5.51
N VAL B 218 -19.96 4.76 4.72
CA VAL B 218 -20.36 4.93 3.32
C VAL B 218 -21.38 3.85 3.06
N GLN B 219 -22.58 4.24 2.64
CA GLN B 219 -23.55 3.26 2.23
C GLN B 219 -24.26 3.70 0.95
#